data_6ASN
#
_entry.id   6ASN
#
_cell.length_a   60.843
_cell.length_b   75.605
_cell.length_c   71.530
_cell.angle_alpha   90.00
_cell.angle_beta   94.69
_cell.angle_gamma   90.00
#
_symmetry.space_group_name_H-M   'P 1 21 1'
#
loop_
_entity.id
_entity.type
_entity.pdbx_description
1 polymer 'Phosphoenolpyruvate carboxykinase (ATP)'
2 non-polymer 'SULFATE ION'
3 non-polymer 'methanesulfonic acid'
4 water water
#
_entity_poly.entity_id   1
_entity_poly.type   'polypeptide(L)'
_entity_poly.pdbx_seq_one_letter_code
;MRVNNGLTPQELEAYGISDVHDIVYNPSYDLLYQEELDPSLTGYERGVLTNLGAVAVDTGIFTGRSPKDKYIVRDDTTRD
TFWWADKGKGKNDNKPLSPETWQHLKGLVTRQLSGKRLFVVDAFCGANPDTRLSVRFITEVAWQAHFVKNMFIRPSDEEL
AGFKPDFIVMNGAKCTNPQWKEQGLNSENFVAFNLTERMQLIGGTWYGGEMIKGMVSMMNYLLPLKGIASMHCSANVGEK
GDVAVFFGLSGTGKTTLSTDPKRRLIGDDEHGWDDDGVFNFEGGCYAKTIKLSKEAEPEIYNAIRRDALLENVTVREDGT
IDFDDGSKTENTRVSYPIYHIDNIVKPVSKAGHATKVIFLTADAFGVLPPVSRLTADQTQYHFLSGFTAKLAGTERGITE
PTPTFSACFGAAFLSLHPTQYAEVLVKRMQAAGAQAYLVNTGWNGTGKRISIKDTRAIIDAILNGSLDNAETFTLPMFNL
AIPTELPGVDTKILDPRNTYASPEQWQEKAETLAKLFIDNFDKYTDTPAGAALVAAGPKLHHHHHH
;
_entity_poly.pdbx_strand_id   A
#
loop_
_chem_comp.id
_chem_comp.type
_chem_comp.name
_chem_comp.formula
03S non-polymer 'methanesulfonic acid' 'C H4 O3 S'
SO4 non-polymer 'SULFATE ION' 'O4 S -2'
#
# COMPACT_ATOMS: atom_id res chain seq x y z
N LEU A 7 -26.77 16.41 -3.40
CA LEU A 7 -27.16 15.21 -4.13
C LEU A 7 -28.69 15.04 -4.16
N THR A 8 -29.18 13.95 -4.77
CA THR A 8 -30.61 13.69 -4.86
C THR A 8 -30.81 12.18 -5.06
N PRO A 9 -31.99 11.64 -4.70
CA PRO A 9 -32.21 10.21 -4.96
C PRO A 9 -32.06 9.85 -6.42
N GLN A 10 -32.53 10.72 -7.32
CA GLN A 10 -32.52 10.39 -8.75
C GLN A 10 -31.10 10.23 -9.28
N GLU A 11 -30.10 10.89 -8.67
CA GLU A 11 -28.74 10.67 -9.16
C GLU A 11 -28.27 9.24 -8.93
N LEU A 12 -28.73 8.60 -7.85
CA LEU A 12 -28.31 7.22 -7.59
C LEU A 12 -29.03 6.23 -8.51
N GLU A 13 -30.20 6.62 -9.05
CA GLU A 13 -30.92 5.80 -10.01
C GLU A 13 -30.08 5.51 -11.24
N ALA A 14 -29.14 6.41 -11.57
CA ALA A 14 -28.24 6.20 -12.72
C ALA A 14 -27.44 4.92 -12.60
N TYR A 15 -27.17 4.47 -11.37
CA TYR A 15 -26.34 3.30 -11.13
C TYR A 15 -27.12 2.00 -11.04
N GLY A 16 -28.45 2.04 -11.06
CA GLY A 16 -29.28 0.86 -10.94
C GLY A 16 -30.03 0.76 -9.62
N ILE A 17 -29.74 1.62 -8.69
CA ILE A 17 -30.39 1.63 -7.39
C ILE A 17 -31.74 2.31 -7.53
N SER A 18 -32.77 1.79 -6.84
CA SER A 18 -34.06 2.47 -6.82
C SER A 18 -34.68 2.38 -5.44
N ASP A 19 -35.82 3.06 -5.28
CA ASP A 19 -36.59 3.03 -4.04
C ASP A 19 -35.74 3.48 -2.85
N VAL A 20 -35.02 4.59 -3.05
CA VAL A 20 -34.12 5.08 -2.02
C VAL A 20 -34.91 5.73 -0.90
N HIS A 21 -34.61 5.37 0.34
CA HIS A 21 -35.40 5.92 1.44
C HIS A 21 -34.95 7.31 1.83
N ASP A 22 -33.66 7.48 2.02
CA ASP A 22 -33.06 8.68 2.58
C ASP A 22 -31.60 8.57 2.21
N ILE A 23 -30.96 9.69 1.94
CA ILE A 23 -29.54 9.72 1.61
C ILE A 23 -28.81 10.55 2.64
N VAL A 24 -27.76 9.99 3.21
CA VAL A 24 -26.87 10.72 4.10
C VAL A 24 -25.62 10.99 3.28
N TYR A 25 -25.47 12.26 2.82
CA TYR A 25 -24.41 12.64 1.89
C TYR A 25 -23.25 13.33 2.61
N ASN A 26 -22.02 12.87 2.36
CA ASN A 26 -20.80 13.33 3.03
C ASN A 26 -21.07 13.71 4.48
N PRO A 27 -21.42 12.70 5.28
CA PRO A 27 -21.69 12.91 6.69
C PRO A 27 -20.48 13.45 7.43
N SER A 28 -20.75 14.30 8.39
CA SER A 28 -19.74 14.77 9.30
C SER A 28 -19.27 13.64 10.22
N TYR A 29 -18.11 13.84 10.84
CA TYR A 29 -17.67 12.86 11.83
C TYR A 29 -18.64 12.76 13.01
N ASP A 30 -19.22 13.88 13.46
CA ASP A 30 -20.17 13.82 14.58
C ASP A 30 -21.39 13.01 14.20
N LEU A 31 -21.89 13.17 12.97
CA LEU A 31 -23.04 12.40 12.52
C LEU A 31 -22.70 10.92 12.46
N LEU A 32 -21.52 10.59 11.95
CA LEU A 32 -21.14 9.18 11.83
C LEU A 32 -21.07 8.51 13.20
N TYR A 33 -20.55 9.22 14.20
CA TYR A 33 -20.47 8.67 15.55
C TYR A 33 -21.88 8.31 16.07
N GLN A 34 -22.83 9.25 15.91
CA GLN A 34 -24.20 8.96 16.34
C GLN A 34 -24.80 7.78 15.57
N GLU A 35 -24.56 7.73 14.27
CA GLU A 35 -25.09 6.63 13.46
C GLU A 35 -24.51 5.29 13.88
N GLU A 36 -23.24 5.28 14.28
CA GLU A 36 -22.57 4.03 14.58
C GLU A 36 -23.08 3.40 15.87
N LEU A 37 -23.62 4.21 16.79
CA LEU A 37 -24.19 3.70 18.04
C LEU A 37 -25.70 3.45 17.94
N ASP A 38 -26.29 3.62 16.77
CA ASP A 38 -27.72 3.37 16.56
C ASP A 38 -28.11 2.03 17.16
N PRO A 39 -29.07 1.98 18.10
CA PRO A 39 -29.38 0.71 18.80
C PRO A 39 -30.08 -0.33 17.92
N SER A 40 -30.58 0.07 16.77
CA SER A 40 -31.25 -0.86 15.86
C SER A 40 -30.29 -1.63 14.97
N LEU A 41 -29.00 -1.30 14.97
CA LEU A 41 -28.03 -2.03 14.17
C LEU A 41 -27.88 -3.46 14.66
N THR A 42 -27.61 -4.35 13.71
CA THR A 42 -27.47 -5.77 13.98
C THR A 42 -26.20 -6.32 13.35
N GLY A 43 -25.73 -7.44 13.88
CA GLY A 43 -24.64 -8.15 13.25
C GLY A 43 -23.41 -7.27 13.16
N TYR A 44 -22.74 -7.37 12.02
CA TYR A 44 -21.47 -6.66 11.85
C TYR A 44 -21.66 -5.16 11.61
N GLU A 45 -22.90 -4.67 11.56
CA GLU A 45 -23.11 -3.22 11.51
C GLU A 45 -22.77 -2.56 12.85
N ARG A 46 -22.77 -3.32 13.94
CA ARG A 46 -22.72 -2.74 15.28
C ARG A 46 -21.33 -2.18 15.61
N GLY A 47 -21.33 -1.05 16.33
CA GLY A 47 -20.11 -0.50 16.87
C GLY A 47 -20.24 -0.28 18.35
N VAL A 48 -19.09 -0.25 19.02
CA VAL A 48 -19.01 0.07 20.44
C VAL A 48 -17.96 1.15 20.66
N LEU A 49 -18.21 2.04 21.64
CA LEU A 49 -17.26 3.08 22.02
C LEU A 49 -16.24 2.53 23.02
N THR A 50 -14.95 2.77 22.76
CA THR A 50 -13.88 2.34 23.65
C THR A 50 -13.47 3.49 24.57
N ASN A 51 -12.64 3.16 25.56
CA ASN A 51 -12.22 4.20 26.49
C ASN A 51 -11.17 5.13 25.92
N LEU A 52 -10.66 4.87 24.71
CA LEU A 52 -9.81 5.81 23.99
C LEU A 52 -10.60 6.81 23.16
N GLY A 53 -11.92 6.66 23.09
CA GLY A 53 -12.77 7.61 22.40
C GLY A 53 -13.12 7.20 21.00
N ALA A 54 -12.49 6.15 20.50
CA ALA A 54 -12.75 5.63 19.17
C ALA A 54 -13.79 4.50 19.21
N VAL A 55 -14.64 4.49 18.19
CA VAL A 55 -15.57 3.40 17.95
C VAL A 55 -14.83 2.20 17.35
N ALA A 56 -15.28 1.01 17.74
CA ALA A 56 -14.73 -0.27 17.30
C ALA A 56 -15.81 -1.11 16.64
N VAL A 57 -15.45 -1.81 15.58
CA VAL A 57 -16.35 -2.65 14.81
C VAL A 57 -15.65 -4.00 14.57
N ASP A 58 -16.43 -4.98 14.14
CA ASP A 58 -16.02 -6.35 13.86
C ASP A 58 -16.41 -6.69 12.42
N THR A 59 -15.54 -7.38 11.68
CA THR A 59 -15.80 -7.68 10.27
C THR A 59 -16.10 -9.15 9.99
N GLY A 60 -16.40 -9.93 11.02
CA GLY A 60 -16.78 -11.31 10.79
C GLY A 60 -15.61 -12.17 10.37
N ILE A 61 -15.87 -13.06 9.41
CA ILE A 61 -14.81 -14.00 9.06
C ILE A 61 -13.76 -13.37 8.16
N PHE A 62 -14.06 -12.25 7.48
CA PHE A 62 -13.06 -11.67 6.59
C PHE A 62 -12.27 -10.66 7.43
N THR A 63 -11.11 -11.10 7.85
CA THR A 63 -10.19 -10.29 8.64
C THR A 63 -8.97 -9.88 7.83
N GLY A 64 -9.05 -10.04 6.51
CA GLY A 64 -8.02 -9.61 5.59
C GLY A 64 -8.60 -9.59 4.18
N ARG A 65 -7.77 -9.18 3.23
CA ARG A 65 -8.20 -9.14 1.84
C ARG A 65 -8.49 -10.56 1.34
N SER A 66 -9.30 -10.63 0.28
N SER A 66 -9.32 -10.64 0.30
CA SER A 66 -9.71 -11.88 -0.34
CA SER A 66 -9.67 -11.92 -0.31
C SER A 66 -9.24 -11.92 -1.78
C SER A 66 -9.22 -11.92 -1.77
N PRO A 67 -7.93 -12.09 -2.02
CA PRO A 67 -7.46 -12.11 -3.41
C PRO A 67 -8.11 -13.19 -4.24
N LYS A 68 -8.45 -14.34 -3.65
CA LYS A 68 -9.07 -15.41 -4.42
C LYS A 68 -10.47 -15.04 -4.93
N ASP A 69 -11.06 -13.95 -4.41
CA ASP A 69 -12.38 -13.48 -4.85
C ASP A 69 -12.29 -12.20 -5.68
N LYS A 70 -11.09 -11.83 -6.13
CA LYS A 70 -10.86 -10.60 -6.88
C LYS A 70 -10.94 -10.87 -8.38
N TYR A 71 -11.79 -10.10 -9.06
CA TYR A 71 -12.06 -10.29 -10.48
C TYR A 71 -12.10 -8.95 -11.20
N ILE A 72 -11.62 -8.93 -12.44
CA ILE A 72 -11.64 -7.73 -13.28
C ILE A 72 -12.26 -8.09 -14.62
N VAL A 73 -13.25 -7.30 -15.06
CA VAL A 73 -13.90 -7.60 -16.34
C VAL A 73 -12.88 -7.49 -17.46
N ARG A 74 -12.83 -8.54 -18.30
CA ARG A 74 -11.99 -8.56 -19.49
C ARG A 74 -12.86 -8.13 -20.67
N ASP A 75 -12.55 -6.98 -21.23
CA ASP A 75 -13.34 -6.34 -22.26
C ASP A 75 -12.38 -5.52 -23.12
N ASP A 76 -12.92 -4.69 -24.00
CA ASP A 76 -12.07 -3.95 -24.92
C ASP A 76 -11.13 -3.00 -24.19
N THR A 77 -11.53 -2.50 -23.03
CA THR A 77 -10.66 -1.60 -22.29
C THR A 77 -9.44 -2.34 -21.74
N THR A 78 -9.64 -3.51 -21.16
CA THR A 78 -8.62 -4.18 -20.35
C THR A 78 -7.92 -5.34 -21.06
N ARG A 79 -8.44 -5.83 -22.18
CA ARG A 79 -7.98 -7.12 -22.69
C ARG A 79 -6.48 -7.11 -22.93
N ASP A 80 -5.98 -6.08 -23.58
CA ASP A 80 -4.59 -5.99 -23.99
C ASP A 80 -3.74 -5.11 -23.07
N THR A 81 -4.30 -4.63 -21.96
CA THR A 81 -3.59 -3.75 -21.05
C THR A 81 -3.36 -4.35 -19.67
N PHE A 82 -4.29 -5.16 -19.17
CA PHE A 82 -4.20 -5.67 -17.81
C PHE A 82 -3.17 -6.79 -17.72
N TRP A 83 -2.60 -6.95 -16.52
CA TRP A 83 -1.73 -8.08 -16.19
C TRP A 83 -2.63 -9.21 -15.70
N TRP A 84 -3.02 -10.10 -16.62
CA TRP A 84 -4.03 -11.08 -16.30
C TRP A 84 -3.46 -12.32 -15.60
N ALA A 85 -4.28 -12.92 -14.74
CA ALA A 85 -3.88 -14.13 -14.02
C ALA A 85 -3.64 -15.31 -14.97
N ASP A 86 -4.33 -15.36 -16.10
CA ASP A 86 -4.28 -16.52 -16.98
C ASP A 86 -3.39 -16.30 -18.20
N LYS A 87 -2.47 -15.34 -18.11
CA LYS A 87 -1.56 -15.00 -19.19
C LYS A 87 -0.16 -14.78 -18.64
N GLY A 88 0.83 -15.39 -19.29
CA GLY A 88 2.23 -15.09 -18.99
C GLY A 88 2.82 -15.91 -17.85
N LYS A 89 4.08 -15.54 -17.53
CA LYS A 89 4.87 -16.24 -16.52
C LYS A 89 4.40 -15.91 -15.10
N GLY A 90 4.16 -14.63 -14.82
CA GLY A 90 3.94 -14.19 -13.46
C GLY A 90 2.58 -14.48 -12.90
N LYS A 91 2.54 -15.31 -11.85
CA LYS A 91 1.29 -15.60 -11.14
C LYS A 91 0.74 -14.33 -10.48
N ASN A 92 -0.58 -14.16 -10.55
CA ASN A 92 -1.21 -13.02 -9.88
C ASN A 92 -2.69 -13.35 -9.67
N ASP A 93 -3.38 -12.46 -8.96
CA ASP A 93 -4.79 -12.69 -8.64
C ASP A 93 -5.75 -11.88 -9.51
N ASN A 94 -5.28 -11.30 -10.60
CA ASN A 94 -6.11 -10.49 -11.50
C ASN A 94 -6.88 -11.44 -12.43
N LYS A 95 -7.97 -12.00 -11.90
CA LYS A 95 -8.72 -12.99 -12.65
C LYS A 95 -9.71 -12.32 -13.59
N PRO A 96 -9.79 -12.80 -14.83
CA PRO A 96 -10.72 -12.19 -15.79
C PRO A 96 -12.17 -12.54 -15.45
N LEU A 97 -13.06 -11.59 -15.68
CA LEU A 97 -14.49 -11.74 -15.43
C LEU A 97 -15.26 -11.46 -16.71
N SER A 98 -16.26 -12.30 -16.99
CA SER A 98 -17.06 -12.05 -18.18
C SER A 98 -17.93 -10.81 -17.97
N PRO A 99 -18.23 -10.09 -19.04
CA PRO A 99 -19.14 -8.95 -18.92
C PRO A 99 -20.52 -9.32 -18.40
N GLU A 100 -21.05 -10.48 -18.79
CA GLU A 100 -22.40 -10.83 -18.34
C GLU A 100 -22.41 -11.19 -16.86
N THR A 101 -21.38 -11.87 -16.35
CA THR A 101 -21.35 -12.14 -14.93
C THR A 101 -21.20 -10.84 -14.14
N TRP A 102 -20.41 -9.90 -14.68
CA TRP A 102 -20.34 -8.58 -14.05
C TRP A 102 -21.73 -7.98 -13.85
N GLN A 103 -22.60 -8.04 -14.87
CA GLN A 103 -23.91 -7.40 -14.73
C GLN A 103 -24.74 -8.08 -13.66
N HIS A 104 -24.56 -9.40 -13.49
CA HIS A 104 -25.22 -10.12 -12.42
C HIS A 104 -24.71 -9.66 -11.06
N LEU A 105 -23.39 -9.55 -10.90
CA LEU A 105 -22.84 -9.12 -9.63
C LEU A 105 -23.23 -7.69 -9.32
N LYS A 106 -23.21 -6.82 -10.33
N LYS A 106 -23.24 -6.82 -10.32
CA LYS A 106 -23.65 -5.44 -10.11
CA LYS A 106 -23.64 -5.45 -10.11
C LYS A 106 -25.09 -5.43 -9.65
C LYS A 106 -25.10 -5.38 -9.70
N GLY A 107 -25.94 -6.21 -10.32
CA GLY A 107 -27.33 -6.29 -9.93
C GLY A 107 -27.52 -6.73 -8.50
N LEU A 108 -26.76 -7.73 -8.06
CA LEU A 108 -26.88 -8.19 -6.68
C LEU A 108 -26.66 -7.02 -5.74
N VAL A 109 -25.64 -6.22 -6.02
CA VAL A 109 -25.28 -5.12 -5.14
C VAL A 109 -26.31 -4.00 -5.24
N THR A 110 -26.66 -3.60 -6.45
CA THR A 110 -27.61 -2.49 -6.54
C THR A 110 -28.99 -2.88 -6.03
N ARG A 111 -29.38 -4.14 -6.14
CA ARG A 111 -30.65 -4.57 -5.53
C ARG A 111 -30.55 -4.56 -4.01
N GLN A 112 -29.42 -5.03 -3.47
CA GLN A 112 -29.21 -4.97 -2.03
C GLN A 112 -29.28 -3.55 -1.50
N LEU A 113 -28.74 -2.58 -2.26
CA LEU A 113 -28.75 -1.19 -1.81
C LEU A 113 -30.05 -0.47 -2.15
N SER A 114 -30.98 -1.11 -2.85
CA SER A 114 -32.29 -0.52 -3.10
C SER A 114 -33.19 -0.72 -1.89
N GLY A 115 -34.12 0.22 -1.72
CA GLY A 115 -35.09 0.12 -0.64
C GLY A 115 -34.49 0.43 0.70
N LYS A 116 -33.39 1.17 0.71
CA LYS A 116 -32.59 1.37 1.92
C LYS A 116 -32.33 2.86 2.12
N ARG A 117 -32.04 3.19 3.38
CA ARG A 117 -31.28 4.39 3.71
C ARG A 117 -29.83 4.17 3.31
N LEU A 118 -29.25 5.13 2.60
CA LEU A 118 -27.91 4.99 2.07
C LEU A 118 -27.03 6.13 2.54
N PHE A 119 -25.75 5.80 2.72
CA PHE A 119 -24.68 6.76 2.91
C PHE A 119 -23.91 6.90 1.62
N VAL A 120 -23.66 8.14 1.19
CA VAL A 120 -22.89 8.43 -0.01
C VAL A 120 -21.74 9.31 0.40
N VAL A 121 -20.53 8.88 0.08
CA VAL A 121 -19.31 9.64 0.39
C VAL A 121 -18.60 9.93 -0.92
N ASP A 122 -18.50 11.22 -1.26
CA ASP A 122 -17.69 11.69 -2.36
C ASP A 122 -16.30 12.05 -1.83
N ALA A 123 -15.26 11.60 -2.53
CA ALA A 123 -13.91 11.74 -2.02
C ALA A 123 -12.94 11.70 -3.19
N PHE A 124 -11.68 11.99 -2.90
CA PHE A 124 -10.61 11.93 -3.89
C PHE A 124 -9.59 10.85 -3.52
N CYS A 125 -9.10 10.20 -4.56
CA CYS A 125 -7.91 9.38 -4.48
C CYS A 125 -6.79 10.12 -5.21
N GLY A 126 -5.77 10.56 -4.46
CA GLY A 126 -4.73 11.38 -5.02
C GLY A 126 -4.79 12.80 -4.51
N ALA A 127 -3.68 13.32 -4.02
CA ALA A 127 -3.66 14.66 -3.45
C ALA A 127 -3.42 15.77 -4.46
N ASN A 128 -3.01 15.46 -5.68
CA ASN A 128 -2.76 16.51 -6.67
C ASN A 128 -4.00 16.70 -7.53
N PRO A 129 -4.59 17.90 -7.53
CA PRO A 129 -5.86 18.09 -8.24
C PRO A 129 -5.85 17.73 -9.71
N ASP A 130 -4.75 17.96 -10.43
CA ASP A 130 -4.80 17.70 -11.86
C ASP A 130 -4.73 16.23 -12.21
N THR A 131 -4.37 15.34 -11.28
CA THR A 131 -4.29 13.93 -11.58
C THR A 131 -5.15 13.05 -10.67
N ARG A 132 -5.86 13.65 -9.71
CA ARG A 132 -6.63 12.86 -8.77
C ARG A 132 -7.91 12.28 -9.38
N LEU A 133 -8.33 11.17 -8.77
CA LEU A 133 -9.54 10.44 -9.13
C LEU A 133 -10.66 10.87 -8.19
N SER A 134 -11.81 11.22 -8.77
CA SER A 134 -13.01 11.52 -7.99
C SER A 134 -13.81 10.23 -7.81
N VAL A 135 -14.02 9.83 -6.56
CA VAL A 135 -14.65 8.54 -6.27
C VAL A 135 -15.92 8.79 -5.47
N ARG A 136 -17.00 8.12 -5.88
CA ARG A 136 -18.24 8.12 -5.13
C ARG A 136 -18.42 6.74 -4.51
N PHE A 137 -18.53 6.70 -3.18
CA PHE A 137 -18.75 5.49 -2.40
C PHE A 137 -20.19 5.43 -1.92
N ILE A 138 -20.81 4.27 -2.03
CA ILE A 138 -22.20 4.06 -1.64
C ILE A 138 -22.27 2.85 -0.73
N THR A 139 -22.92 3.01 0.43
CA THR A 139 -23.02 1.93 1.42
C THR A 139 -24.34 2.06 2.15
N GLU A 140 -24.76 0.98 2.82
CA GLU A 140 -25.89 1.06 3.75
C GLU A 140 -25.45 1.01 5.20
N VAL A 141 -24.14 1.05 5.46
CA VAL A 141 -23.59 0.86 6.79
C VAL A 141 -22.76 2.08 7.14
N ALA A 142 -23.11 2.73 8.25
CA ALA A 142 -22.45 3.99 8.58
C ALA A 142 -20.95 3.83 8.77
N TRP A 143 -20.50 2.74 9.41
CA TRP A 143 -19.07 2.67 9.68
C TRP A 143 -18.25 2.44 8.42
N GLN A 144 -18.86 1.83 7.38
CA GLN A 144 -18.18 1.73 6.09
C GLN A 144 -17.99 3.11 5.47
N ALA A 145 -19.01 3.97 5.58
CA ALA A 145 -18.88 5.36 5.14
C ALA A 145 -17.79 6.07 5.93
N HIS A 146 -17.72 5.80 7.23
CA HIS A 146 -16.67 6.35 8.07
C HIS A 146 -15.29 5.90 7.60
N PHE A 147 -15.14 4.61 7.29
CA PHE A 147 -13.87 4.09 6.80
C PHE A 147 -13.41 4.88 5.59
N VAL A 148 -14.30 5.11 4.62
CA VAL A 148 -13.86 5.79 3.41
C VAL A 148 -13.66 7.29 3.64
N LYS A 149 -14.42 7.88 4.55
CA LYS A 149 -14.14 9.28 4.95
C LYS A 149 -12.74 9.40 5.53
N ASN A 150 -12.30 8.42 6.33
CA ASN A 150 -10.95 8.43 6.89
C ASN A 150 -9.90 8.25 5.80
N MET A 151 -10.10 7.28 4.92
CA MET A 151 -8.99 6.80 4.12
C MET A 151 -8.78 7.57 2.83
N PHE A 152 -9.83 8.15 2.27
CA PHE A 152 -9.66 8.98 1.08
C PHE A 152 -9.61 10.45 1.48
N ILE A 153 -9.35 11.28 0.48
CA ILE A 153 -9.20 12.72 0.70
C ILE A 153 -10.57 13.38 0.70
N ARG A 154 -10.84 14.11 1.78
CA ARG A 154 -12.14 14.67 2.06
C ARG A 154 -12.33 16.00 1.33
N PRO A 155 -13.29 16.12 0.43
CA PRO A 155 -13.44 17.36 -0.33
C PRO A 155 -13.99 18.48 0.53
N SER A 156 -13.56 19.70 0.18
CA SER A 156 -14.17 20.87 0.78
C SER A 156 -15.59 21.02 0.23
N ASP A 157 -16.41 21.81 0.94
CA ASP A 157 -17.75 22.09 0.46
C ASP A 157 -17.71 22.67 -0.94
N GLU A 158 -16.72 23.51 -1.20
CA GLU A 158 -16.60 24.12 -2.51
C GLU A 158 -16.21 23.08 -3.55
N GLU A 159 -15.38 22.10 -3.19
CA GLU A 159 -15.06 21.00 -4.12
C GLU A 159 -16.26 20.11 -4.38
N LEU A 160 -17.16 19.95 -3.40
CA LEU A 160 -18.33 19.11 -3.61
C LEU A 160 -19.32 19.74 -4.58
N ALA A 161 -19.33 21.07 -4.70
CA ALA A 161 -20.26 21.73 -5.61
C ALA A 161 -20.02 21.29 -7.05
N GLY A 162 -18.76 21.14 -7.45
CA GLY A 162 -18.48 20.72 -8.81
C GLY A 162 -18.13 19.25 -8.95
N PHE A 163 -18.51 18.42 -7.98
CA PHE A 163 -18.01 17.05 -7.95
C PHE A 163 -18.63 16.19 -9.04
N LYS A 164 -17.77 15.57 -9.85
CA LYS A 164 -18.17 14.66 -10.91
C LYS A 164 -17.41 13.34 -10.76
N PRO A 165 -18.07 12.24 -10.36
CA PRO A 165 -17.32 11.00 -10.09
C PRO A 165 -16.66 10.42 -11.34
N ASP A 166 -15.41 9.95 -11.16
CA ASP A 166 -14.69 9.16 -12.16
C ASP A 166 -14.80 7.67 -11.90
N PHE A 167 -15.20 7.27 -10.70
CA PHE A 167 -15.26 5.87 -10.30
C PHE A 167 -16.33 5.77 -9.24
N ILE A 168 -17.10 4.69 -9.27
CA ILE A 168 -18.12 4.41 -8.27
C ILE A 168 -17.71 3.14 -7.52
N VAL A 169 -17.81 3.17 -6.19
CA VAL A 169 -17.55 2.01 -5.35
C VAL A 169 -18.82 1.71 -4.59
N MET A 170 -19.38 0.51 -4.80
CA MET A 170 -20.60 0.13 -4.14
C MET A 170 -20.32 -1.03 -3.20
N ASN A 171 -20.55 -0.81 -1.92
CA ASN A 171 -20.29 -1.82 -0.91
C ASN A 171 -21.61 -2.52 -0.63
N GLY A 172 -21.69 -3.76 -1.08
CA GLY A 172 -22.80 -4.64 -0.77
C GLY A 172 -22.37 -5.81 0.09
N ALA A 173 -21.66 -5.55 1.20
CA ALA A 173 -21.17 -6.66 2.03
C ALA A 173 -22.30 -7.56 2.52
N LYS A 174 -23.52 -7.04 2.66
CA LYS A 174 -24.62 -7.84 3.15
C LYS A 174 -25.16 -8.83 2.13
N CYS A 175 -24.78 -8.73 0.86
CA CYS A 175 -25.29 -9.69 -0.12
C CYS A 175 -24.19 -10.66 -0.53
N THR A 176 -24.61 -11.79 -1.11
CA THR A 176 -23.69 -12.77 -1.66
C THR A 176 -24.27 -13.24 -2.99
N ASN A 177 -23.49 -14.03 -3.73
CA ASN A 177 -23.83 -14.48 -5.07
C ASN A 177 -24.17 -15.96 -5.02
N PRO A 178 -25.44 -16.33 -4.96
CA PRO A 178 -25.81 -17.77 -4.89
C PRO A 178 -25.43 -18.58 -6.11
N GLN A 179 -25.19 -17.93 -7.26
CA GLN A 179 -24.88 -18.57 -8.53
C GLN A 179 -23.38 -18.76 -8.76
N TRP A 180 -22.56 -18.55 -7.74
CA TRP A 180 -21.12 -18.46 -7.94
C TRP A 180 -20.53 -19.74 -8.55
N LYS A 181 -21.03 -20.91 -8.16
CA LYS A 181 -20.38 -22.13 -8.61
C LYS A 181 -20.52 -22.32 -10.11
N GLU A 182 -21.75 -22.20 -10.63
CA GLU A 182 -21.96 -22.36 -12.05
C GLU A 182 -21.35 -21.23 -12.86
N GLN A 183 -21.04 -20.09 -12.23
CA GLN A 183 -20.35 -19.00 -12.90
C GLN A 183 -18.84 -19.14 -12.87
N GLY A 184 -18.33 -20.20 -12.26
CA GLY A 184 -16.92 -20.48 -12.25
C GLY A 184 -16.13 -19.59 -11.32
N LEU A 185 -16.76 -19.02 -10.31
CA LEU A 185 -16.10 -18.15 -9.37
C LEU A 185 -15.61 -18.95 -8.16
N ASN A 186 -14.84 -18.29 -7.31
CA ASN A 186 -14.17 -18.97 -6.20
C ASN A 186 -15.11 -19.23 -5.02
N SER A 187 -16.07 -18.33 -4.77
CA SER A 187 -16.96 -18.41 -3.62
C SER A 187 -18.14 -17.48 -3.86
N GLU A 188 -19.06 -17.43 -2.89
CA GLU A 188 -20.23 -16.57 -2.97
C GLU A 188 -19.88 -15.10 -2.74
N ASN A 189 -18.65 -14.80 -2.37
CA ASN A 189 -18.19 -13.44 -2.18
C ASN A 189 -17.51 -12.91 -3.44
N PHE A 190 -17.33 -11.59 -3.50
CA PHE A 190 -16.69 -11.07 -4.70
C PHE A 190 -16.19 -9.66 -4.46
N VAL A 191 -15.04 -9.38 -5.06
CA VAL A 191 -14.52 -8.02 -5.15
C VAL A 191 -14.20 -7.83 -6.62
N ALA A 192 -15.06 -7.10 -7.34
CA ALA A 192 -15.06 -7.06 -8.79
C ALA A 192 -14.91 -5.64 -9.30
N PHE A 193 -14.17 -5.51 -10.39
CA PHE A 193 -13.85 -4.24 -11.03
C PHE A 193 -14.21 -4.25 -12.50
N ASN A 194 -14.74 -3.13 -12.98
CA ASN A 194 -15.06 -2.94 -14.40
C ASN A 194 -14.49 -1.59 -14.79
N LEU A 195 -13.48 -1.59 -15.66
CA LEU A 195 -12.82 -0.34 -16.07
C LEU A 195 -13.53 0.33 -17.24
N THR A 196 -14.53 -0.31 -17.84
CA THR A 196 -15.35 0.38 -18.83
C THR A 196 -16.44 1.21 -18.16
N GLU A 197 -17.14 0.62 -17.20
CA GLU A 197 -18.12 1.31 -16.39
C GLU A 197 -17.49 2.13 -15.27
N ARG A 198 -16.22 1.90 -14.98
CA ARG A 198 -15.49 2.53 -13.87
C ARG A 198 -16.20 2.35 -12.53
N MET A 199 -16.27 1.07 -12.11
CA MET A 199 -16.99 0.72 -10.91
C MET A 199 -16.29 -0.44 -10.21
N GLN A 200 -16.37 -0.41 -8.88
CA GLN A 200 -15.96 -1.51 -8.01
C GLN A 200 -17.17 -1.98 -7.23
N LEU A 201 -17.31 -3.30 -7.14
CA LEU A 201 -18.35 -3.98 -6.35
C LEU A 201 -17.69 -4.76 -5.22
N ILE A 202 -18.31 -4.70 -4.04
CA ILE A 202 -17.92 -5.55 -2.90
C ILE A 202 -19.14 -6.33 -2.43
N GLY A 203 -19.05 -7.67 -2.49
CA GLY A 203 -20.11 -8.52 -1.99
C GLY A 203 -19.59 -9.50 -0.97
N GLY A 204 -20.28 -9.65 0.15
CA GLY A 204 -19.96 -10.70 1.09
C GLY A 204 -18.92 -10.37 2.13
N THR A 205 -17.86 -9.67 1.74
CA THR A 205 -16.77 -9.44 2.68
C THR A 205 -16.93 -8.08 3.33
N TRP A 206 -16.77 -8.04 4.64
CA TRP A 206 -16.86 -6.81 5.42
C TRP A 206 -15.50 -6.20 5.71
N TYR A 207 -14.42 -6.76 5.18
CA TYR A 207 -13.09 -6.26 5.53
C TYR A 207 -12.92 -4.83 5.00
N GLY A 208 -12.56 -3.93 5.90
CA GLY A 208 -12.44 -2.53 5.49
C GLY A 208 -11.47 -2.31 4.35
N GLY A 209 -10.33 -3.00 4.38
CA GLY A 209 -9.29 -2.73 3.39
C GLY A 209 -9.71 -2.95 1.94
N GLU A 210 -10.78 -3.71 1.70
CA GLU A 210 -11.23 -3.84 0.31
C GLU A 210 -11.66 -2.49 -0.26
N MET A 211 -12.11 -1.57 0.60
CA MET A 211 -12.62 -0.29 0.17
C MET A 211 -11.52 0.72 -0.12
N ILE A 212 -10.30 0.50 0.36
CA ILE A 212 -9.17 1.36 0.00
C ILE A 212 -8.26 0.70 -1.03
N LYS A 213 -8.00 -0.60 -0.93
CA LYS A 213 -7.07 -1.24 -1.83
C LYS A 213 -7.66 -1.50 -3.22
N GLY A 214 -8.99 -1.45 -3.36
CA GLY A 214 -9.59 -1.47 -4.68
C GLY A 214 -9.22 -0.24 -5.50
N MET A 215 -9.32 0.95 -4.90
CA MET A 215 -8.91 2.14 -5.64
C MET A 215 -7.39 2.23 -5.78
N VAL A 216 -6.62 1.69 -4.85
CA VAL A 216 -5.18 1.57 -5.09
C VAL A 216 -4.93 0.76 -6.37
N SER A 217 -5.59 -0.40 -6.51
CA SER A 217 -5.42 -1.25 -7.69
C SER A 217 -5.81 -0.51 -8.97
N MET A 218 -6.87 0.32 -8.90
CA MET A 218 -7.33 1.02 -10.10
C MET A 218 -6.41 2.17 -10.45
N MET A 219 -5.93 2.92 -9.44
CA MET A 219 -4.88 3.91 -9.70
C MET A 219 -3.64 3.25 -10.26
N ASN A 220 -3.33 2.04 -9.80
CA ASN A 220 -2.17 1.32 -10.29
C ASN A 220 -2.33 0.89 -11.74
N TYR A 221 -3.56 0.89 -12.25
CA TYR A 221 -3.82 0.68 -13.68
C TYR A 221 -3.74 2.01 -14.43
N LEU A 222 -4.48 3.01 -13.95
CA LEU A 222 -4.63 4.25 -14.72
C LEU A 222 -3.36 5.09 -14.73
N LEU A 223 -2.63 5.19 -13.60
CA LEU A 223 -1.54 6.16 -13.55
C LEU A 223 -0.38 5.79 -14.46
N PRO A 224 0.17 4.57 -14.41
CA PRO A 224 1.35 4.32 -15.28
C PRO A 224 1.02 4.41 -16.74
N LEU A 225 -0.22 4.15 -17.12
CA LEU A 225 -0.61 4.26 -18.52
C LEU A 225 -0.61 5.71 -18.99
N LYS A 226 -0.60 6.67 -18.07
CA LYS A 226 -0.46 8.06 -18.46
C LYS A 226 0.88 8.65 -17.97
N GLY A 227 1.87 7.80 -17.71
CA GLY A 227 3.22 8.23 -17.40
C GLY A 227 3.43 8.64 -15.95
N ILE A 228 2.52 8.28 -15.05
CA ILE A 228 2.60 8.64 -13.63
C ILE A 228 3.03 7.40 -12.84
N ALA A 229 4.07 7.52 -12.04
CA ALA A 229 4.51 6.37 -11.26
C ALA A 229 3.57 6.14 -10.09
N SER A 230 3.41 4.88 -9.70
CA SER A 230 2.66 4.49 -8.51
C SER A 230 3.60 3.68 -7.63
N MET A 231 3.60 3.99 -6.34
CA MET A 231 4.63 3.51 -5.43
C MET A 231 4.00 3.10 -4.12
N HIS A 232 4.32 1.90 -3.66
CA HIS A 232 3.96 1.46 -2.32
C HIS A 232 5.13 1.83 -1.42
N CYS A 233 5.07 3.04 -0.86
CA CYS A 233 6.21 3.59 -0.13
C CYS A 233 5.68 4.56 0.91
N SER A 234 6.50 4.83 1.92
N SER A 234 6.52 4.85 1.90
CA SER A 234 6.31 6.06 2.66
CA SER A 234 6.38 6.04 2.72
C SER A 234 7.10 7.16 1.96
C SER A 234 7.25 7.15 2.15
N ALA A 235 6.78 8.40 2.31
CA ALA A 235 7.47 9.55 1.74
C ALA A 235 7.47 10.69 2.74
N ASN A 236 8.58 11.42 2.82
CA ASN A 236 8.66 12.52 3.77
C ASN A 236 9.50 13.62 3.13
N VAL A 237 9.51 14.79 3.78
CA VAL A 237 10.07 16.00 3.19
C VAL A 237 10.82 16.81 4.25
N GLY A 238 12.03 17.23 3.92
CA GLY A 238 12.87 18.00 4.84
C GLY A 238 12.51 19.46 4.85
N GLU A 239 13.20 20.19 5.74
CA GLU A 239 12.97 21.63 5.84
C GLU A 239 13.23 22.35 4.52
N LYS A 240 14.19 21.88 3.70
CA LYS A 240 14.47 22.50 2.42
C LYS A 240 13.55 22.01 1.30
N GLY A 241 12.53 21.21 1.62
CA GLY A 241 11.64 20.74 0.59
C GLY A 241 12.10 19.50 -0.16
N ASP A 242 13.18 18.87 0.30
CA ASP A 242 13.74 17.71 -0.37
C ASP A 242 12.91 16.49 0.01
N VAL A 243 12.46 15.75 -1.00
CA VAL A 243 11.53 14.64 -0.84
C VAL A 243 12.30 13.34 -0.94
N ALA A 244 11.99 12.41 -0.03
CA ALA A 244 12.57 11.07 -0.03
C ALA A 244 11.44 10.06 0.02
N VAL A 245 11.62 8.95 -0.68
CA VAL A 245 10.67 7.85 -0.64
C VAL A 245 11.36 6.61 -0.11
N PHE A 246 10.64 5.86 0.72
CA PHE A 246 11.16 4.69 1.43
C PHE A 246 10.33 3.49 1.06
N PHE A 247 10.97 2.45 0.52
CA PHE A 247 10.30 1.21 0.20
C PHE A 247 10.82 0.08 1.09
N GLY A 248 9.96 -0.87 1.42
CA GLY A 248 10.40 -2.01 2.19
C GLY A 248 9.24 -2.87 2.65
N LEU A 249 9.41 -4.18 2.61
CA LEU A 249 8.40 -5.10 3.12
C LEU A 249 8.32 -4.98 4.65
N SER A 250 7.33 -5.66 5.22
N SER A 250 7.33 -5.66 5.21
CA SER A 250 7.15 -5.60 6.66
CA SER A 250 7.15 -5.60 6.66
C SER A 250 8.42 -6.05 7.37
C SER A 250 8.42 -6.05 7.37
N GLY A 251 8.76 -5.34 8.45
CA GLY A 251 9.91 -5.68 9.27
C GLY A 251 11.23 -5.15 8.77
N THR A 252 11.23 -4.28 7.77
CA THR A 252 12.47 -3.72 7.27
C THR A 252 12.81 -2.38 7.89
N GLY A 253 11.92 -1.83 8.74
CA GLY A 253 12.15 -0.54 9.35
C GLY A 253 11.60 0.63 8.58
N LYS A 254 10.67 0.41 7.65
CA LYS A 254 10.14 1.50 6.82
C LYS A 254 9.50 2.59 7.68
N THR A 255 8.59 2.21 8.59
CA THR A 255 7.91 3.20 9.41
C THR A 255 8.89 3.96 10.29
N THR A 256 9.78 3.25 11.00
CA THR A 256 10.71 3.88 11.91
C THR A 256 11.66 4.84 11.19
N LEU A 257 12.21 4.40 10.06
CA LEU A 257 13.22 5.21 9.41
C LEU A 257 12.64 6.41 8.67
N SER A 258 11.35 6.39 8.36
CA SER A 258 10.70 7.54 7.72
C SER A 258 10.03 8.45 8.74
N THR A 259 10.11 8.11 10.03
CA THR A 259 9.65 8.96 11.12
C THR A 259 10.83 9.73 11.68
N ASP A 260 10.80 11.06 11.55
CA ASP A 260 11.90 11.94 11.88
C ASP A 260 11.28 13.30 12.26
N PRO A 261 11.61 13.85 13.43
CA PRO A 261 10.94 15.11 13.83
C PRO A 261 11.16 16.25 12.86
N LYS A 262 12.23 16.20 12.07
CA LYS A 262 12.59 17.27 11.16
C LYS A 262 12.08 17.06 9.73
N ARG A 263 11.40 15.94 9.46
CA ARG A 263 10.89 15.66 8.13
C ARG A 263 9.40 15.34 8.24
N ARG A 264 8.57 16.15 7.57
CA ARG A 264 7.13 15.95 7.58
C ARG A 264 6.73 14.78 6.69
N LEU A 265 5.75 14.01 7.15
CA LEU A 265 5.27 12.87 6.40
C LEU A 265 4.28 13.30 5.33
N ILE A 266 4.52 12.86 4.09
CA ILE A 266 3.53 13.00 3.04
C ILE A 266 2.45 11.94 3.20
N GLY A 267 2.89 10.70 3.38
CA GLY A 267 2.03 9.55 3.61
C GLY A 267 2.87 8.33 3.92
N ASP A 268 2.16 7.27 4.33
CA ASP A 268 2.78 6.05 4.81
C ASP A 268 2.60 4.85 3.89
N ASP A 269 1.67 4.89 2.92
CA ASP A 269 1.19 3.69 2.25
C ASP A 269 1.38 3.73 0.73
N GLU A 270 0.68 4.60 0.01
CA GLU A 270 0.66 4.56 -1.46
C GLU A 270 0.79 5.98 -1.98
N HIS A 271 1.71 6.19 -2.93
CA HIS A 271 1.98 7.49 -3.50
C HIS A 271 2.01 7.43 -5.01
N GLY A 272 1.69 8.56 -5.63
CA GLY A 272 1.94 8.73 -7.04
C GLY A 272 3.05 9.74 -7.31
N TRP A 273 3.58 9.74 -8.53
CA TRP A 273 4.70 10.64 -8.88
C TRP A 273 4.44 11.14 -10.30
N ASP A 274 3.90 12.34 -10.39
CA ASP A 274 3.52 12.93 -11.67
C ASP A 274 4.45 14.11 -11.96
N ASP A 275 4.03 14.93 -12.95
CA ASP A 275 4.88 16.04 -13.39
C ASP A 275 5.17 17.02 -12.27
N ASP A 276 4.30 17.09 -11.27
CA ASP A 276 4.44 18.08 -10.21
C ASP A 276 5.16 17.56 -8.97
N GLY A 277 5.37 16.24 -8.85
CA GLY A 277 6.06 15.63 -7.74
C GLY A 277 5.26 14.48 -7.18
N VAL A 278 5.52 14.22 -5.89
CA VAL A 278 5.03 13.03 -5.20
C VAL A 278 3.77 13.41 -4.44
N PHE A 279 2.69 12.64 -4.62
CA PHE A 279 1.43 12.88 -3.94
C PHE A 279 0.96 11.61 -3.21
N ASN A 280 0.36 11.80 -2.03
CA ASN A 280 -0.31 10.72 -1.31
C ASN A 280 -1.62 10.35 -2.04
N PHE A 281 -1.88 9.03 -2.16
CA PHE A 281 -3.18 8.57 -2.66
C PHE A 281 -4.28 8.85 -1.65
N GLU A 282 -3.93 8.85 -0.36
CA GLU A 282 -4.88 8.68 0.72
C GLU A 282 -5.01 9.93 1.58
N GLY A 283 -6.14 9.98 2.31
CA GLY A 283 -6.41 10.99 3.29
C GLY A 283 -6.34 10.50 4.72
N GLY A 284 -5.79 9.32 4.95
CA GLY A 284 -5.76 8.71 6.26
C GLY A 284 -4.84 7.51 6.25
N CYS A 285 -4.76 6.85 7.41
CA CYS A 285 -3.86 5.74 7.64
C CYS A 285 -4.67 4.56 8.16
N TYR A 286 -4.35 3.38 7.66
CA TYR A 286 -4.98 2.11 8.04
C TYR A 286 -3.88 1.26 8.67
N ALA A 287 -3.72 1.40 9.99
CA ALA A 287 -2.53 0.94 10.69
C ALA A 287 -2.80 -0.37 11.39
N LYS A 288 -1.81 -1.27 11.38
CA LYS A 288 -1.91 -2.49 12.17
C LYS A 288 -1.79 -2.18 13.65
N THR A 289 -2.61 -2.85 14.47
CA THR A 289 -2.61 -2.55 15.89
C THR A 289 -2.26 -3.74 16.77
N ILE A 290 -1.88 -4.90 16.23
CA ILE A 290 -1.56 -6.03 17.11
C ILE A 290 -0.34 -5.68 17.94
N LYS A 291 -0.44 -5.91 19.25
CA LYS A 291 0.61 -5.59 20.24
C LYS A 291 0.94 -4.10 20.28
N LEU A 292 0.02 -3.23 19.87
CA LEU A 292 0.27 -1.80 19.95
C LEU A 292 0.52 -1.37 21.40
N SER A 293 1.50 -0.49 21.61
CA SER A 293 1.66 0.16 22.91
C SER A 293 2.01 1.63 22.72
N LYS A 294 1.62 2.45 23.71
CA LYS A 294 1.94 3.87 23.65
C LYS A 294 3.44 4.08 23.65
N GLU A 295 4.21 3.23 24.34
CA GLU A 295 5.65 3.42 24.40
C GLU A 295 6.30 3.08 23.06
N ALA A 296 5.84 2.02 22.40
CA ALA A 296 6.48 1.57 21.16
C ALA A 296 6.00 2.35 19.93
N GLU A 297 4.74 2.78 19.89
CA GLU A 297 4.17 3.44 18.72
C GLU A 297 3.35 4.62 19.18
N PRO A 298 3.99 5.63 19.75
CA PRO A 298 3.23 6.74 20.37
C PRO A 298 2.36 7.51 19.39
N GLU A 299 2.79 7.70 18.14
CA GLU A 299 2.03 8.46 17.16
C GLU A 299 0.74 7.72 16.76
N ILE A 300 0.85 6.43 16.45
CA ILE A 300 -0.34 5.65 16.13
C ILE A 300 -1.25 5.61 17.34
N TYR A 301 -0.71 5.29 18.52
CA TYR A 301 -1.55 5.21 19.71
C TYR A 301 -2.31 6.50 19.93
N ASN A 302 -1.61 7.64 19.82
CA ASN A 302 -2.21 8.95 20.06
C ASN A 302 -3.29 9.27 19.04
N ALA A 303 -3.19 8.70 17.83
CA ALA A 303 -4.20 8.92 16.81
C ALA A 303 -5.49 8.19 17.11
N ILE A 304 -5.46 7.22 18.02
CA ILE A 304 -6.66 6.45 18.36
C ILE A 304 -7.48 7.27 19.36
N ARG A 305 -8.46 8.01 18.82
CA ARG A 305 -9.33 8.90 19.57
C ARG A 305 -10.58 9.06 18.72
N ARG A 306 -11.54 9.85 19.20
CA ARG A 306 -12.77 10.04 18.43
C ARG A 306 -12.43 10.40 16.98
N ASP A 307 -13.11 9.71 16.07
CA ASP A 307 -13.04 9.74 14.61
C ASP A 307 -12.05 8.72 14.06
N ALA A 308 -11.22 8.10 14.89
CA ALA A 308 -10.61 6.85 14.47
C ALA A 308 -11.65 5.74 14.49
N LEU A 309 -11.34 4.65 13.77
CA LEU A 309 -12.24 3.51 13.65
C LEU A 309 -11.42 2.25 13.83
N LEU A 310 -11.66 1.56 14.95
CA LEU A 310 -10.96 0.32 15.27
C LEU A 310 -11.68 -0.85 14.62
N GLU A 311 -10.90 -1.80 14.12
CA GLU A 311 -11.40 -2.92 13.34
C GLU A 311 -10.84 -4.23 13.91
N ASN A 312 -11.71 -5.07 14.46
CA ASN A 312 -11.43 -6.42 14.96
C ASN A 312 -10.56 -6.46 16.22
N VAL A 313 -10.32 -5.32 16.85
CA VAL A 313 -9.62 -5.32 18.15
C VAL A 313 -10.55 -5.85 19.23
N THR A 314 -9.97 -6.51 20.22
CA THR A 314 -10.75 -7.00 21.34
C THR A 314 -11.10 -5.85 22.27
N VAL A 315 -12.39 -5.64 22.49
CA VAL A 315 -12.88 -4.65 23.46
C VAL A 315 -13.45 -5.42 24.63
N ARG A 316 -12.98 -5.09 25.84
CA ARG A 316 -13.41 -5.79 27.03
C ARG A 316 -14.76 -5.28 27.49
N GLU A 317 -15.38 -6.00 28.43
CA GLU A 317 -16.70 -5.62 28.89
C GLU A 317 -16.70 -4.27 29.61
N ASP A 318 -15.54 -3.77 30.03
CA ASP A 318 -15.44 -2.45 30.64
C ASP A 318 -15.07 -1.35 29.65
N GLY A 319 -15.06 -1.67 28.35
CA GLY A 319 -14.75 -0.68 27.32
C GLY A 319 -13.27 -0.48 27.03
N THR A 320 -12.37 -1.16 27.74
CA THR A 320 -10.95 -1.07 27.43
C THR A 320 -10.60 -2.00 26.27
N ILE A 321 -9.45 -1.74 25.65
CA ILE A 321 -8.98 -2.46 24.47
C ILE A 321 -7.82 -3.35 24.89
N ASP A 322 -7.85 -4.62 24.48
CA ASP A 322 -6.67 -5.48 24.62
C ASP A 322 -5.99 -5.54 23.25
N PHE A 323 -5.00 -4.66 23.06
CA PHE A 323 -4.30 -4.62 21.78
C PHE A 323 -3.43 -5.85 21.56
N ASP A 324 -3.13 -6.60 22.61
CA ASP A 324 -2.31 -7.80 22.46
C ASP A 324 -3.08 -9.01 21.97
N ASP A 325 -4.41 -8.97 21.95
CA ASP A 325 -5.22 -10.14 21.69
C ASP A 325 -5.40 -10.34 20.19
N GLY A 326 -4.78 -11.39 19.66
CA GLY A 326 -4.95 -11.78 18.27
C GLY A 326 -5.92 -12.94 18.08
N SER A 327 -6.77 -13.18 19.08
CA SER A 327 -7.65 -14.35 19.07
C SER A 327 -8.51 -14.39 17.82
N LYS A 328 -9.13 -13.26 17.46
CA LYS A 328 -9.87 -13.22 16.20
C LYS A 328 -8.92 -13.14 15.00
N THR A 329 -7.98 -12.20 15.03
CA THR A 329 -7.02 -12.09 13.96
C THR A 329 -5.80 -11.36 14.48
N GLU A 330 -4.64 -11.69 13.89
CA GLU A 330 -3.45 -10.88 14.09
C GLU A 330 -3.52 -9.59 13.30
N ASN A 331 -4.43 -9.51 12.33
CA ASN A 331 -4.55 -8.34 11.46
C ASN A 331 -5.56 -7.34 11.98
N THR A 332 -5.54 -7.08 13.29
CA THR A 332 -6.31 -5.97 13.81
C THR A 332 -5.80 -4.67 13.23
N ARG A 333 -6.73 -3.71 13.07
CA ARG A 333 -6.43 -2.46 12.39
C ARG A 333 -7.12 -1.30 13.08
N VAL A 334 -6.64 -0.10 12.74
CA VAL A 334 -7.34 1.13 13.04
C VAL A 334 -7.17 2.04 11.84
N SER A 335 -8.23 2.75 11.48
CA SER A 335 -8.11 3.83 10.52
C SER A 335 -8.37 5.17 11.19
N TYR A 336 -7.74 6.21 10.66
CA TYR A 336 -7.97 7.57 11.13
C TYR A 336 -7.61 8.53 10.02
N PRO A 337 -8.23 9.70 9.99
CA PRO A 337 -7.79 10.73 9.04
C PRO A 337 -6.35 11.13 9.35
N ILE A 338 -5.62 11.55 8.32
CA ILE A 338 -4.18 11.69 8.41
C ILE A 338 -3.80 12.79 9.42
N TYR A 339 -4.65 13.81 9.61
CA TYR A 339 -4.30 14.89 10.54
C TYR A 339 -4.34 14.44 12.00
N HIS A 340 -4.72 13.20 12.30
CA HIS A 340 -4.47 12.66 13.65
C HIS A 340 -3.02 12.39 13.92
N ILE A 341 -2.17 12.55 12.90
CA ILE A 341 -0.71 12.55 13.02
C ILE A 341 -0.24 14.00 12.89
N ASP A 342 0.58 14.46 13.85
CA ASP A 342 0.95 15.88 13.87
C ASP A 342 1.96 16.25 12.79
N ASN A 343 3.02 15.45 12.65
CA ASN A 343 4.17 15.83 11.84
C ASN A 343 3.95 15.37 10.39
N ILE A 344 2.98 16.00 9.74
CA ILE A 344 2.63 15.69 8.35
C ILE A 344 2.76 16.94 7.49
N VAL A 345 2.85 16.70 6.17
CA VAL A 345 2.70 17.76 5.19
C VAL A 345 1.25 18.20 5.16
N LYS A 346 1.01 19.48 5.29
CA LYS A 346 -0.33 20.01 5.27
C LYS A 346 -0.28 21.43 4.75
N PRO A 347 -1.38 21.94 4.20
CA PRO A 347 -2.74 21.37 4.15
C PRO A 347 -3.02 20.34 3.04
N VAL A 348 -2.06 20.12 2.14
CA VAL A 348 -2.19 19.17 1.03
C VAL A 348 -1.08 18.13 1.13
N SER A 349 -1.44 16.84 1.02
CA SER A 349 -0.49 15.75 1.19
C SER A 349 0.28 15.47 -0.10
N LYS A 350 1.11 16.44 -0.50
CA LYS A 350 1.94 16.28 -1.69
C LYS A 350 3.11 17.23 -1.58
N ALA A 351 4.14 16.96 -2.38
CA ALA A 351 5.33 17.82 -2.39
C ALA A 351 5.97 17.70 -3.76
N GLY A 352 7.22 18.14 -3.88
CA GLY A 352 7.92 18.11 -5.13
C GLY A 352 8.47 16.74 -5.47
N HIS A 353 9.45 16.73 -6.37
CA HIS A 353 9.96 15.48 -6.90
C HIS A 353 10.89 14.82 -5.90
N ALA A 354 10.77 13.50 -5.75
CA ALA A 354 11.72 12.77 -4.91
C ALA A 354 13.10 12.84 -5.52
N THR A 355 14.10 13.11 -4.67
CA THR A 355 15.50 13.08 -5.10
C THR A 355 16.29 12.02 -4.35
N LYS A 356 15.68 11.30 -3.41
CA LYS A 356 16.30 10.15 -2.78
C LYS A 356 15.27 9.03 -2.73
N VAL A 357 15.69 7.85 -3.16
CA VAL A 357 14.86 6.66 -3.15
C VAL A 357 15.59 5.62 -2.30
N ILE A 358 14.95 5.11 -1.26
CA ILE A 358 15.60 4.21 -0.31
C ILE A 358 14.85 2.89 -0.32
N PHE A 359 15.57 1.82 -0.69
CA PHE A 359 15.03 0.47 -0.65
C PHE A 359 15.58 -0.20 0.60
N LEU A 360 14.71 -0.58 1.50
CA LEU A 360 15.06 -1.27 2.74
C LEU A 360 14.87 -2.77 2.60
N THR A 361 15.82 -3.52 3.15
CA THR A 361 15.74 -4.97 3.14
C THR A 361 16.38 -5.51 4.40
N ALA A 362 15.75 -6.51 5.01
CA ALA A 362 16.31 -7.16 6.19
C ALA A 362 16.95 -8.47 5.72
N ASP A 363 18.24 -8.41 5.42
CA ASP A 363 18.94 -9.55 4.83
C ASP A 363 19.38 -10.50 5.93
N ALA A 364 18.56 -11.52 6.18
CA ALA A 364 18.86 -12.59 7.13
C ALA A 364 20.05 -13.44 6.71
N PHE A 365 20.43 -13.40 5.43
CA PHE A 365 21.63 -14.10 4.99
C PHE A 365 22.91 -13.37 5.38
N GLY A 366 22.82 -12.11 5.81
CA GLY A 366 24.01 -11.35 6.17
C GLY A 366 24.97 -11.12 5.03
N VAL A 367 24.45 -10.93 3.82
CA VAL A 367 25.26 -10.81 2.62
C VAL A 367 25.35 -9.36 2.14
N LEU A 368 24.26 -8.61 2.26
CA LEU A 368 24.22 -7.31 1.61
C LEU A 368 24.81 -6.22 2.51
N PRO A 369 25.42 -5.22 1.87
CA PRO A 369 26.04 -4.14 2.64
C PRO A 369 25.00 -3.36 3.42
N PRO A 370 25.40 -2.72 4.52
CA PRO A 370 24.46 -1.78 5.17
C PRO A 370 23.93 -0.71 4.22
N VAL A 371 24.75 -0.21 3.30
CA VAL A 371 24.27 0.75 2.30
C VAL A 371 25.06 0.60 1.00
N SER A 372 24.32 0.57 -0.12
CA SER A 372 24.87 0.61 -1.47
C SER A 372 24.15 1.68 -2.30
N ARG A 373 24.87 2.24 -3.26
CA ARG A 373 24.31 3.22 -4.21
C ARG A 373 24.04 2.50 -5.53
N LEU A 374 22.78 2.48 -5.96
CA LEU A 374 22.40 1.65 -7.10
C LEU A 374 22.50 2.38 -8.43
N THR A 375 22.83 1.62 -9.48
CA THR A 375 22.65 2.13 -10.83
C THR A 375 21.16 2.14 -11.19
N ALA A 376 20.83 2.79 -12.31
CA ALA A 376 19.44 2.86 -12.74
C ALA A 376 18.90 1.45 -13.01
N ASP A 377 19.67 0.62 -13.70
CA ASP A 377 19.20 -0.75 -13.97
C ASP A 377 19.09 -1.56 -12.69
N GLN A 378 20.01 -1.34 -11.72
CA GLN A 378 19.89 -2.06 -10.44
C GLN A 378 18.68 -1.58 -9.65
N THR A 379 18.31 -0.30 -9.83
CA THR A 379 17.13 0.20 -9.18
C THR A 379 15.90 -0.53 -9.68
N GLN A 380 15.78 -0.70 -11.02
CA GLN A 380 14.68 -1.49 -11.56
C GLN A 380 14.74 -2.92 -11.03
N TYR A 381 15.92 -3.51 -11.07
CA TYR A 381 16.07 -4.91 -10.68
C TYR A 381 15.62 -5.13 -9.22
N HIS A 382 16.10 -4.30 -8.30
CA HIS A 382 15.78 -4.51 -6.89
C HIS A 382 14.36 -4.09 -6.54
N PHE A 383 13.81 -3.13 -7.29
CA PHE A 383 12.39 -2.79 -7.15
C PHE A 383 11.51 -3.97 -7.54
N LEU A 384 11.84 -4.64 -8.66
CA LEU A 384 11.07 -5.80 -9.07
C LEU A 384 11.25 -6.98 -8.12
N SER A 385 12.44 -7.11 -7.55
CA SER A 385 12.74 -8.24 -6.66
C SER A 385 11.99 -8.08 -5.34
N GLY A 386 12.06 -6.90 -4.72
CA GLY A 386 11.36 -6.68 -3.47
C GLY A 386 11.69 -7.72 -2.41
N PHE A 387 12.99 -7.90 -2.16
CA PHE A 387 13.52 -8.92 -1.27
C PHE A 387 13.58 -8.48 0.18
N THR A 388 13.25 -9.41 1.08
CA THR A 388 13.63 -9.34 2.49
C THR A 388 13.71 -10.77 3.00
N ALA A 389 14.19 -10.94 4.22
CA ALA A 389 14.29 -12.30 4.75
C ALA A 389 14.11 -12.27 6.26
N LYS A 390 13.83 -13.46 6.83
CA LYS A 390 13.69 -13.66 8.28
C LYS A 390 14.46 -14.91 8.68
N LEU A 391 14.88 -14.96 9.94
CA LEU A 391 15.65 -16.11 10.45
C LEU A 391 14.72 -17.25 10.82
N PRO A 401 17.45 -18.81 7.47
CA PRO A 401 16.93 -17.63 6.76
C PRO A 401 15.93 -18.00 5.67
N THR A 402 14.67 -17.52 5.80
CA THR A 402 13.67 -17.75 4.78
C THR A 402 13.46 -16.47 3.99
N PRO A 403 13.66 -16.47 2.67
CA PRO A 403 13.51 -15.25 1.88
C PRO A 403 12.06 -14.96 1.56
N THR A 404 11.78 -13.68 1.32
CA THR A 404 10.51 -13.29 0.73
C THR A 404 10.82 -12.32 -0.41
N PHE A 405 10.15 -12.51 -1.54
CA PHE A 405 10.24 -11.61 -2.69
C PHE A 405 8.83 -11.13 -2.99
N SER A 406 8.65 -9.82 -3.14
CA SER A 406 7.36 -9.30 -3.52
C SER A 406 7.57 -8.17 -4.51
N ALA A 407 7.08 -8.37 -5.74
CA ALA A 407 7.32 -7.41 -6.81
C ALA A 407 6.88 -6.02 -6.38
N CYS A 408 7.77 -5.06 -6.62
CA CYS A 408 7.48 -3.65 -6.40
C CYS A 408 7.17 -3.38 -4.93
N PHE A 409 7.68 -4.24 -4.06
CA PHE A 409 7.44 -4.22 -2.62
C PHE A 409 5.94 -4.38 -2.29
N GLY A 410 5.16 -4.94 -3.19
CA GLY A 410 3.75 -5.15 -2.97
C GLY A 410 3.06 -5.64 -4.23
N ALA A 411 3.03 -6.95 -4.43
CA ALA A 411 2.49 -7.48 -5.67
C ALA A 411 0.97 -7.45 -5.71
N ALA A 412 0.32 -7.41 -4.53
CA ALA A 412 -1.09 -7.71 -4.46
C ALA A 412 -1.96 -6.68 -5.17
N PHE A 413 -1.46 -5.46 -5.39
CA PHE A 413 -2.30 -4.43 -5.99
C PHE A 413 -1.83 -4.01 -7.37
N LEU A 414 -0.97 -4.82 -7.98
CA LEU A 414 -0.44 -4.50 -9.30
C LEU A 414 -1.43 -4.97 -10.36
N SER A 415 -1.90 -4.02 -11.14
CA SER A 415 -2.82 -4.25 -12.24
C SER A 415 -2.13 -4.35 -13.58
N LEU A 416 -0.91 -3.85 -13.69
CA LEU A 416 -0.06 -3.94 -14.86
C LEU A 416 1.12 -4.85 -14.56
N HIS A 417 1.87 -5.21 -15.61
CA HIS A 417 3.03 -6.05 -15.40
C HIS A 417 4.01 -5.32 -14.48
N PRO A 418 4.66 -6.02 -13.56
CA PRO A 418 5.59 -5.31 -12.65
C PRO A 418 6.61 -4.43 -13.36
N THR A 419 7.13 -4.86 -14.51
CA THR A 419 8.14 -4.07 -15.20
C THR A 419 7.62 -2.71 -15.62
N GLN A 420 6.30 -2.56 -15.81
CA GLN A 420 5.76 -1.27 -16.21
C GLN A 420 5.89 -0.26 -15.08
N TYR A 421 5.73 -0.72 -13.84
CA TYR A 421 5.96 0.12 -12.66
C TYR A 421 7.43 0.49 -12.52
N ALA A 422 8.33 -0.47 -12.77
CA ALA A 422 9.75 -0.16 -12.64
C ALA A 422 10.19 0.88 -13.67
N GLU A 423 9.70 0.75 -14.90
CA GLU A 423 10.11 1.67 -15.95
C GLU A 423 9.68 3.10 -15.62
N VAL A 424 8.43 3.29 -15.20
CA VAL A 424 7.97 4.67 -14.98
C VAL A 424 8.61 5.27 -13.73
N LEU A 425 8.86 4.46 -12.69
CA LEU A 425 9.57 4.94 -11.51
C LEU A 425 10.94 5.49 -11.90
N VAL A 426 11.72 4.72 -12.66
CA VAL A 426 13.08 5.17 -12.98
C VAL A 426 13.07 6.33 -13.95
N LYS A 427 12.07 6.39 -14.83
CA LYS A 427 11.90 7.58 -15.66
C LYS A 427 11.73 8.83 -14.81
N ARG A 428 10.83 8.78 -13.83
CA ARG A 428 10.65 9.93 -12.96
C ARG A 428 11.90 10.22 -12.16
N MET A 429 12.62 9.17 -11.70
CA MET A 429 13.88 9.39 -10.98
C MET A 429 14.89 10.09 -11.85
N GLN A 430 15.03 9.65 -13.10
CA GLN A 430 16.04 10.23 -13.97
C GLN A 430 15.72 11.69 -14.27
N ALA A 431 14.44 12.02 -14.43
CA ALA A 431 14.08 13.42 -14.70
C ALA A 431 14.33 14.30 -13.48
N ALA A 432 14.33 13.72 -12.29
CA ALA A 432 14.54 14.45 -11.05
C ALA A 432 15.99 14.40 -10.58
N GLY A 433 16.84 13.66 -11.28
CA GLY A 433 18.19 13.44 -10.78
C GLY A 433 18.24 12.69 -9.46
N ALA A 434 17.31 11.77 -9.22
CA ALA A 434 17.22 11.08 -7.96
C ALA A 434 18.20 9.93 -7.92
N GLN A 435 18.70 9.64 -6.73
CA GLN A 435 19.60 8.52 -6.53
C GLN A 435 18.92 7.51 -5.63
N ALA A 436 19.05 6.23 -6.00
CA ALA A 436 18.53 5.14 -5.19
C ALA A 436 19.65 4.46 -4.40
N TYR A 437 19.27 4.02 -3.20
CA TYR A 437 20.14 3.34 -2.26
C TYR A 437 19.46 2.09 -1.76
N LEU A 438 20.24 1.03 -1.61
CA LEU A 438 19.81 -0.20 -1.00
C LEU A 438 20.41 -0.27 0.39
N VAL A 439 19.57 -0.45 1.40
CA VAL A 439 19.96 -0.39 2.81
C VAL A 439 19.55 -1.69 3.50
N ASN A 440 20.54 -2.42 4.03
CA ASN A 440 20.33 -3.65 4.77
C ASN A 440 20.11 -3.29 6.24
N THR A 441 18.87 -3.37 6.69
CA THR A 441 18.51 -3.20 8.10
C THR A 441 18.45 -4.53 8.83
N GLY A 442 18.86 -5.61 8.18
CA GLY A 442 18.78 -6.92 8.79
C GLY A 442 20.05 -7.29 9.51
N TRP A 443 20.75 -8.31 9.00
CA TRP A 443 21.81 -9.00 9.72
C TRP A 443 23.12 -8.89 8.95
N ASN A 444 24.23 -9.07 9.69
CA ASN A 444 25.55 -9.17 9.08
C ASN A 444 26.13 -10.55 9.40
N GLY A 445 27.42 -10.72 9.08
CA GLY A 445 28.07 -12.03 9.18
C GLY A 445 28.14 -12.58 10.59
N THR A 446 28.11 -11.72 11.60
CA THR A 446 28.10 -12.17 13.00
C THR A 446 26.77 -12.75 13.44
N GLY A 447 25.77 -12.83 12.57
CA GLY A 447 24.47 -13.30 12.98
C GLY A 447 23.66 -12.31 13.78
N LYS A 448 24.19 -11.13 14.04
CA LYS A 448 23.48 -10.08 14.76
C LYS A 448 22.95 -9.01 13.81
N ARG A 449 21.85 -8.37 14.23
CA ARG A 449 21.25 -7.30 13.45
C ARG A 449 22.12 -6.05 13.44
N ILE A 450 22.07 -5.33 12.32
CA ILE A 450 22.66 -4.00 12.23
C ILE A 450 21.88 -3.06 13.16
N SER A 451 22.59 -2.16 13.84
CA SER A 451 21.96 -1.37 14.91
C SER A 451 21.12 -0.23 14.35
N ILE A 452 20.02 0.07 15.05
CA ILE A 452 19.18 1.22 14.69
C ILE A 452 20.01 2.49 14.62
N LYS A 453 21.04 2.61 15.47
CA LYS A 453 21.92 3.78 15.41
C LYS A 453 22.66 3.84 14.10
N ASP A 454 23.18 2.70 13.64
CA ASP A 454 23.90 2.67 12.38
C ASP A 454 22.99 2.96 11.19
N THR A 455 21.77 2.40 11.17
CA THR A 455 20.90 2.62 10.02
C THR A 455 20.38 4.06 10.01
N ARG A 456 20.07 4.64 11.17
CA ARG A 456 19.69 6.06 11.19
C ARG A 456 20.81 6.94 10.67
N ALA A 457 22.07 6.64 11.00
CA ALA A 457 23.18 7.43 10.47
C ALA A 457 23.31 7.26 8.96
N ILE A 458 23.05 6.06 8.47
CA ILE A 458 23.06 5.82 7.02
C ILE A 458 21.97 6.67 6.37
N ILE A 459 20.76 6.64 6.93
CA ILE A 459 19.68 7.47 6.35
C ILE A 459 20.07 8.95 6.37
N ASP A 460 20.64 9.43 7.48
CA ASP A 460 21.12 10.83 7.52
C ASP A 460 22.05 11.14 6.35
N ALA A 461 23.03 10.28 6.13
CA ALA A 461 24.05 10.53 5.11
C ALA A 461 23.47 10.47 3.71
N ILE A 462 22.50 9.58 3.49
CA ILE A 462 21.78 9.57 2.22
C ILE A 462 21.05 10.88 2.02
N LEU A 463 20.25 11.27 3.02
CA LEU A 463 19.33 12.38 2.82
C LEU A 463 20.06 13.71 2.68
N ASN A 464 21.22 13.88 3.31
CA ASN A 464 21.93 15.13 3.11
C ASN A 464 22.76 15.17 1.82
N GLY A 465 22.65 14.16 0.95
CA GLY A 465 23.30 14.17 -0.35
C GLY A 465 24.77 13.79 -0.33
N SER A 466 25.33 13.50 0.83
CA SER A 466 26.76 13.24 0.97
C SER A 466 27.24 11.95 0.31
N LEU A 467 26.34 11.09 -0.18
CA LEU A 467 26.77 9.84 -0.82
C LEU A 467 26.59 9.84 -2.33
N ASP A 468 25.89 10.82 -2.91
CA ASP A 468 25.56 10.73 -4.33
C ASP A 468 26.80 10.73 -5.20
N ASN A 469 27.85 11.45 -4.79
CA ASN A 469 29.09 11.54 -5.55
C ASN A 469 30.30 11.13 -4.71
N ALA A 470 30.07 10.36 -3.66
CA ALA A 470 31.13 9.90 -2.80
C ALA A 470 31.91 8.77 -3.47
N GLU A 471 33.15 8.59 -3.00
CA GLU A 471 34.00 7.53 -3.52
C GLU A 471 33.49 6.19 -3.02
N THR A 472 33.57 5.20 -3.89
CA THR A 472 33.00 3.89 -3.61
C THR A 472 33.99 2.82 -4.02
N PHE A 473 33.81 1.64 -3.45
CA PHE A 473 34.34 0.39 -4.00
C PHE A 473 33.18 -0.53 -4.36
N THR A 474 33.45 -1.48 -5.23
CA THR A 474 32.41 -2.36 -5.80
C THR A 474 32.42 -3.72 -5.14
N LEU A 475 31.28 -4.12 -4.59
CA LEU A 475 31.15 -5.43 -4.01
C LEU A 475 31.01 -6.46 -5.13
N PRO A 476 31.80 -7.55 -5.12
CA PRO A 476 31.64 -8.61 -6.12
C PRO A 476 30.27 -9.26 -6.11
N MET A 477 29.95 -9.88 -7.25
CA MET A 477 28.75 -10.68 -7.46
C MET A 477 27.50 -9.81 -7.56
N PHE A 478 27.21 -9.01 -6.53
CA PHE A 478 26.08 -8.10 -6.59
C PHE A 478 26.43 -6.77 -7.26
N ASN A 479 27.72 -6.49 -7.51
CA ASN A 479 28.18 -5.30 -8.22
C ASN A 479 27.62 -4.02 -7.56
N LEU A 480 27.72 -3.97 -6.22
CA LEU A 480 27.15 -2.88 -5.45
C LEU A 480 28.22 -1.86 -5.11
N ALA A 481 27.95 -0.59 -5.43
CA ALA A 481 28.82 0.53 -5.11
C ALA A 481 28.65 0.90 -3.64
N ILE A 482 29.69 0.68 -2.84
CA ILE A 482 29.66 0.92 -1.40
C ILE A 482 30.51 2.13 -1.10
N PRO A 483 30.06 3.09 -0.29
CA PRO A 483 30.93 4.22 0.03
C PRO A 483 32.14 3.77 0.84
N THR A 484 33.32 4.30 0.48
CA THR A 484 34.54 3.96 1.21
C THR A 484 34.51 4.46 2.64
N GLU A 485 33.79 5.55 2.89
CA GLU A 485 33.68 6.13 4.22
C GLU A 485 32.26 6.66 4.39
N LEU A 486 31.76 6.63 5.62
CA LEU A 486 30.45 7.20 5.86
C LEU A 486 30.39 7.94 7.19
N PRO A 487 30.21 9.26 7.18
CA PRO A 487 30.20 10.03 8.43
C PRO A 487 29.24 9.44 9.45
N GLY A 488 29.75 9.21 10.66
CA GLY A 488 28.92 8.76 11.75
C GLY A 488 28.71 7.27 11.85
N VAL A 489 29.37 6.49 11.01
CA VAL A 489 29.24 5.04 11.02
C VAL A 489 30.63 4.43 11.02
N ASP A 490 30.80 3.39 11.84
CA ASP A 490 32.02 2.61 11.89
C ASP A 490 32.35 2.04 10.51
N THR A 491 33.47 2.49 9.92
CA THR A 491 33.83 2.08 8.57
C THR A 491 33.90 0.57 8.41
N LYS A 492 34.28 -0.15 9.47
CA LYS A 492 34.41 -1.60 9.38
C LYS A 492 33.11 -2.28 8.95
N ILE A 493 31.95 -1.67 9.27
CA ILE A 493 30.67 -2.28 8.97
C ILE A 493 30.29 -2.19 7.49
N LEU A 494 30.96 -1.33 6.72
CA LEU A 494 30.43 -0.99 5.39
C LEU A 494 30.60 -2.13 4.41
N ASP A 495 31.70 -2.87 4.50
CA ASP A 495 31.92 -4.05 3.67
C ASP A 495 31.31 -5.27 4.35
N PRO A 496 30.30 -5.92 3.77
CA PRO A 496 29.66 -7.05 4.47
C PRO A 496 30.61 -8.24 4.68
N ARG A 497 31.73 -8.27 3.96
CA ARG A 497 32.66 -9.38 4.10
C ARG A 497 33.41 -9.33 5.43
N ASN A 498 33.57 -8.13 6.00
CA ASN A 498 34.38 -7.92 7.21
C ASN A 498 33.82 -8.59 8.46
N THR A 499 32.56 -9.03 8.46
CA THR A 499 32.00 -9.76 9.58
C THR A 499 32.00 -11.26 9.34
N TYR A 500 32.78 -11.73 8.38
CA TYR A 500 32.98 -13.15 8.13
C TYR A 500 34.45 -13.49 8.40
N ALA A 501 34.69 -14.75 8.77
CA ALA A 501 36.06 -15.18 9.05
C ALA A 501 36.96 -15.02 7.83
N SER A 502 36.41 -15.17 6.63
CA SER A 502 37.17 -14.97 5.41
C SER A 502 36.24 -14.48 4.31
N PRO A 503 36.77 -13.78 3.30
CA PRO A 503 35.94 -13.46 2.13
C PRO A 503 35.28 -14.69 1.54
N GLU A 504 35.93 -15.85 1.62
CA GLU A 504 35.37 -17.08 1.08
C GLU A 504 34.08 -17.47 1.79
N GLN A 505 34.00 -17.22 3.11
CA GLN A 505 32.78 -17.58 3.84
C GLN A 505 31.60 -16.66 3.47
N TRP A 506 31.89 -15.40 3.16
CA TRP A 506 30.85 -14.52 2.62
C TRP A 506 30.42 -14.99 1.23
N GLN A 507 31.39 -15.35 0.38
CA GLN A 507 31.08 -15.75 -1.00
C GLN A 507 30.12 -16.93 -1.05
N GLU A 508 30.28 -17.91 -0.15
CA GLU A 508 29.39 -19.06 -0.13
C GLU A 508 27.94 -18.64 0.13
N LYS A 509 27.72 -17.69 1.04
CA LYS A 509 26.35 -17.26 1.29
C LYS A 509 25.85 -16.34 0.17
N ALA A 510 26.75 -15.52 -0.38
CA ALA A 510 26.38 -14.62 -1.46
C ALA A 510 25.96 -15.38 -2.70
N GLU A 511 26.65 -16.50 -2.98
CA GLU A 511 26.24 -17.37 -4.07
C GLU A 511 24.84 -17.93 -3.84
N THR A 512 24.53 -18.34 -2.61
CA THR A 512 23.20 -18.82 -2.28
C THR A 512 22.15 -17.75 -2.55
N LEU A 513 22.41 -16.53 -2.07
CA LEU A 513 21.45 -15.44 -2.22
C LEU A 513 21.33 -15.00 -3.67
N ALA A 514 22.46 -14.88 -4.40
CA ALA A 514 22.40 -14.55 -5.82
C ALA A 514 21.53 -15.52 -6.60
N LYS A 515 21.66 -16.82 -6.32
CA LYS A 515 20.84 -17.80 -7.01
C LYS A 515 19.36 -17.59 -6.68
N LEU A 516 19.05 -17.20 -5.43
CA LEU A 516 17.66 -16.97 -5.06
C LEU A 516 17.08 -15.80 -5.85
N PHE A 517 17.84 -14.71 -5.99
CA PHE A 517 17.39 -13.58 -6.79
C PHE A 517 17.16 -13.99 -8.24
N ILE A 518 18.13 -14.71 -8.80
CA ILE A 518 18.08 -15.08 -10.21
C ILE A 518 16.86 -15.94 -10.48
N ASP A 519 16.65 -16.94 -9.63
CA ASP A 519 15.48 -17.81 -9.77
C ASP A 519 14.19 -17.02 -9.64
N ASN A 520 14.13 -16.08 -8.68
CA ASN A 520 12.90 -15.30 -8.50
C ASN A 520 12.63 -14.40 -9.68
N PHE A 521 13.69 -13.82 -10.27
CA PHE A 521 13.52 -12.82 -11.31
C PHE A 521 13.06 -13.44 -12.62
N ASP A 522 13.27 -14.74 -12.78
CA ASP A 522 12.99 -15.35 -14.07
C ASP A 522 11.55 -15.12 -14.51
N LYS A 523 10.60 -15.03 -13.58
CA LYS A 523 9.20 -14.90 -13.97
C LYS A 523 8.87 -13.55 -14.58
N TYR A 524 9.80 -12.60 -14.56
CA TYR A 524 9.59 -11.31 -15.21
C TYR A 524 10.15 -11.23 -16.63
N THR A 525 10.80 -12.27 -17.12
CA THR A 525 11.56 -12.18 -18.35
C THR A 525 10.72 -12.46 -19.59
N ASP A 526 9.40 -12.57 -19.43
CA ASP A 526 8.47 -12.66 -20.56
C ASP A 526 8.16 -11.29 -21.16
N THR A 527 8.74 -10.22 -20.60
CA THR A 527 8.71 -8.91 -21.22
C THR A 527 10.13 -8.51 -21.57
N PRO A 528 10.31 -7.67 -22.57
CA PRO A 528 11.68 -7.25 -22.92
C PRO A 528 12.35 -6.46 -21.81
N ALA A 529 11.58 -5.62 -21.11
CA ALA A 529 12.13 -4.91 -19.95
C ALA A 529 12.72 -5.89 -18.93
N GLY A 530 11.96 -6.92 -18.58
CA GLY A 530 12.46 -7.88 -17.61
C GLY A 530 13.61 -8.71 -18.16
N ALA A 531 13.49 -9.15 -19.42
CA ALA A 531 14.55 -9.97 -19.98
C ALA A 531 15.87 -9.19 -20.01
N ALA A 532 15.81 -7.91 -20.39
CA ALA A 532 17.02 -7.09 -20.43
C ALA A 532 17.66 -6.93 -19.07
N LEU A 533 16.87 -6.90 -18.01
CA LEU A 533 17.41 -6.60 -16.69
C LEU A 533 18.13 -7.79 -16.05
N VAL A 534 18.00 -8.99 -16.60
CA VAL A 534 18.77 -10.12 -16.06
C VAL A 534 20.25 -9.76 -16.00
N ALA A 535 20.75 -9.14 -17.06
CA ALA A 535 22.16 -8.79 -17.15
C ALA A 535 22.59 -7.74 -16.12
N ALA A 536 21.64 -7.08 -15.47
CA ALA A 536 21.96 -6.13 -14.41
C ALA A 536 21.83 -6.76 -13.03
N GLY A 537 21.41 -8.01 -12.96
CA GLY A 537 21.17 -8.66 -11.70
C GLY A 537 22.44 -9.24 -11.11
N PRO A 538 22.27 -9.90 -9.96
CA PRO A 538 23.41 -10.57 -9.32
C PRO A 538 24.02 -11.61 -10.22
N LYS A 539 25.35 -11.74 -10.11
CA LYS A 539 26.12 -12.72 -10.84
C LYS A 539 26.59 -13.83 -9.90
N LEU A 540 26.49 -15.07 -10.35
CA LEU A 540 27.11 -16.18 -9.65
C LEU A 540 28.62 -16.12 -9.83
N HIS A 541 29.33 -16.86 -8.97
CA HIS A 541 30.79 -16.93 -9.07
C HIS A 541 31.18 -17.84 -10.22
N HIS A 542 32.14 -17.39 -11.03
CA HIS A 542 32.64 -18.18 -12.15
C HIS A 542 34.17 -18.21 -12.10
S SO4 B . -11.76 -12.47 -23.86
O1 SO4 B . -11.89 -12.97 -22.48
O2 SO4 B . -11.85 -13.63 -24.74
O3 SO4 B . -12.84 -11.56 -24.21
O4 SO4 B . -10.49 -11.77 -24.11
S SO4 C . 8.34 -1.89 9.00
O1 SO4 C . 9.36 -2.09 10.03
O2 SO4 C . 7.24 -2.84 9.19
O3 SO4 C . 8.91 -2.07 7.64
O4 SO4 C . 7.84 -0.52 9.12
S SO4 D . -8.86 16.03 16.35
O1 SO4 D . -8.89 14.74 17.07
O2 SO4 D . -7.62 16.03 15.57
O3 SO4 D . -10.03 16.20 15.47
O4 SO4 D . -8.82 17.13 17.33
S10 03S E . -4.56 -4.45 3.55
O11 03S E . -3.79 -4.73 2.32
O12 03S E . -4.75 -5.76 4.17
C13 03S E . -3.76 -3.13 4.51
OXT 03S E . -5.91 -4.07 3.18
H113 03S E . -3.72 -2.32 3.98
H213 03S E . -4.27 -2.97 5.31
H313 03S E . -2.86 -3.41 4.75
#